data_6T5S
#
_entry.id   6T5S
#
_cell.length_a   36.973
_cell.length_b   54.895
_cell.length_c   65.319
_cell.angle_alpha   90.000
_cell.angle_beta   90.000
_cell.angle_gamma   90.000
#
_symmetry.space_group_name_H-M   'P 21 21 21'
#
loop_
_entity.id
_entity.type
_entity.pdbx_description
1 polymer 'Lysozyme C'
2 non-polymer GLYCEROL
3 non-polymer 'CHLORIDE ION'
4 water water
#
_entity_poly.entity_id   1
_entity_poly.type   'polypeptide(L)'
_entity_poly.pdbx_seq_one_letter_code
;EIIPRCELVKILREHGFEGFEGTTIADWICLVQHESDYNTEAYNNNGPSRDYGIFQINSKYWCNDGKTSGAVDGCHISCS
ELMTNDLEDDIKCAKKIARDAHGLTPWYGWKNHCEGRDLSSYVKGC
;
_entity_poly.pdbx_strand_id   A
#
loop_
_chem_comp.id
_chem_comp.type
_chem_comp.name
_chem_comp.formula
CL non-polymer 'CHLORIDE ION' 'Cl -1'
GOL non-polymer GLYCEROL 'C3 H8 O3'
#
# COMPACT_ATOMS: atom_id res chain seq x y z
N GLU A 1 -10.89 3.45 9.31
CA GLU A 1 -11.15 4.87 9.14
C GLU A 1 -10.63 5.27 7.78
N ILE A 2 -11.10 6.39 7.32
CA ILE A 2 -10.60 7.05 6.07
C ILE A 2 -9.49 8.02 6.47
N ILE A 3 -8.37 7.98 5.79
CA ILE A 3 -7.28 8.97 5.96
C ILE A 3 -7.44 9.96 4.83
N PRO A 4 -7.82 11.22 5.12
CA PRO A 4 -8.00 12.25 4.11
C PRO A 4 -6.74 12.34 3.23
N ARG A 5 -6.95 12.70 1.97
CA ARG A 5 -5.86 12.76 0.99
C ARG A 5 -4.67 13.56 1.50
N CYS A 6 -4.89 14.79 1.94
CA CYS A 6 -3.75 15.68 2.29
C CYS A 6 -3.06 15.18 3.55
N GLU A 7 -3.82 14.54 4.45
N GLU A 7 -3.81 14.54 4.45
CA GLU A 7 -3.22 13.90 5.64
CA GLU A 7 -3.18 13.93 5.64
C GLU A 7 -2.28 12.80 5.17
C GLU A 7 -2.27 12.80 5.16
N LEU A 8 -2.74 11.98 4.22
CA LEU A 8 -1.92 10.87 3.73
C LEU A 8 -0.67 11.47 3.06
N VAL A 9 -0.86 12.48 2.24
CA VAL A 9 0.30 13.16 1.59
C VAL A 9 1.35 13.49 2.65
N LYS A 10 0.92 14.15 3.72
CA LYS A 10 1.90 14.59 4.73
C LYS A 10 2.58 13.40 5.43
N ILE A 11 1.79 12.36 5.70
CA ILE A 11 2.29 11.12 6.34
C ILE A 11 3.41 10.51 5.42
N LEU A 12 3.10 10.41 4.13
CA LEU A 12 4.08 9.79 3.22
C LEU A 12 5.30 10.72 3.03
N ARG A 13 5.12 12.02 2.92
CA ARG A 13 6.26 12.94 2.76
C ARG A 13 7.15 12.83 4.00
N GLU A 14 6.54 12.82 5.18
CA GLU A 14 7.29 12.80 6.44
C GLU A 14 7.85 11.40 6.72
N HIS A 15 7.51 10.42 5.90
CA HIS A 15 8.11 9.07 5.97
C HIS A 15 9.08 8.87 4.80
N GLY A 16 9.49 9.91 4.11
CA GLY A 16 10.55 9.73 3.11
C GLY A 16 10.09 8.97 1.87
N PHE A 17 8.83 8.99 1.53
CA PHE A 17 8.33 8.29 0.32
C PHE A 17 8.83 8.93 -0.97
N GLU A 18 9.12 10.24 -0.99
N GLU A 18 9.09 10.24 -0.97
CA GLU A 18 9.50 10.89 -2.27
CA GLU A 18 9.57 10.89 -2.22
C GLU A 18 10.89 10.39 -2.66
C GLU A 18 10.89 10.24 -2.58
N GLY A 19 10.96 9.66 -3.77
CA GLY A 19 12.20 9.09 -4.27
C GLY A 19 12.43 7.67 -3.82
N PHE A 20 11.50 7.13 -3.02
CA PHE A 20 11.73 5.80 -2.43
C PHE A 20 11.62 4.79 -3.59
N GLU A 21 12.70 4.04 -3.83
N GLU A 21 12.70 4.04 -3.83
CA GLU A 21 12.81 3.10 -4.98
CA GLU A 21 12.74 3.07 -4.95
C GLU A 21 12.37 3.80 -6.27
C GLU A 21 12.34 3.80 -6.26
N GLY A 22 12.69 5.07 -6.39
CA GLY A 22 12.39 5.87 -7.57
C GLY A 22 10.96 6.34 -7.71
N THR A 23 10.13 6.10 -6.71
CA THR A 23 8.69 6.42 -6.75
C THR A 23 8.48 7.85 -6.32
N THR A 24 7.27 8.33 -6.56
CA THR A 24 6.86 9.68 -6.15
C THR A 24 5.76 9.64 -5.12
N ILE A 25 5.54 10.78 -4.46
CA ILE A 25 4.38 10.87 -3.52
C ILE A 25 3.10 10.66 -4.33
N ALA A 26 3.01 11.29 -5.51
CA ALA A 26 1.80 11.19 -6.35
C ALA A 26 1.53 9.71 -6.68
N ASP A 27 2.61 8.95 -7.01
CA ASP A 27 2.44 7.53 -7.28
C ASP A 27 1.68 6.87 -6.13
N TRP A 28 2.13 7.11 -4.91
CA TRP A 28 1.54 6.39 -3.76
C TRP A 28 0.12 6.86 -3.45
N ILE A 29 -0.13 8.15 -3.60
CA ILE A 29 -1.49 8.66 -3.36
C ILE A 29 -2.44 8.03 -4.40
N CYS A 30 -2.05 8.05 -5.66
CA CYS A 30 -2.88 7.47 -6.74
C CYS A 30 -3.07 5.96 -6.47
N LEU A 31 -1.99 5.28 -6.07
CA LEU A 31 -2.05 3.86 -5.67
C LEU A 31 -3.12 3.66 -4.61
N VAL A 32 -3.01 4.41 -3.54
CA VAL A 32 -3.99 4.26 -2.44
C VAL A 32 -5.39 4.56 -2.97
N GLN A 33 -5.58 5.64 -3.68
CA GLN A 33 -6.93 5.99 -4.12
C GLN A 33 -7.54 4.82 -4.88
N HIS A 34 -6.76 4.17 -5.75
CA HIS A 34 -7.26 3.08 -6.62
C HIS A 34 -7.19 1.74 -5.96
N GLU A 35 -6.52 1.57 -4.86
CA GLU A 35 -6.43 0.26 -4.19
C GLU A 35 -7.41 0.14 -3.03
N SER A 36 -7.36 1.12 -2.13
CA SER A 36 -8.14 1.09 -0.88
C SER A 36 -9.12 2.24 -0.78
N ASP A 37 -9.00 3.23 -1.65
CA ASP A 37 -9.86 4.45 -1.58
C ASP A 37 -9.69 5.06 -0.18
N TYR A 38 -8.45 5.07 0.32
CA TYR A 38 -7.99 5.78 1.54
C TYR A 38 -8.56 5.17 2.82
N ASN A 39 -9.03 3.92 2.71
CA ASN A 39 -9.65 3.18 3.83
C ASN A 39 -8.59 2.29 4.48
N THR A 40 -8.26 2.54 5.74
CA THR A 40 -7.33 1.71 6.54
C THR A 40 -7.87 0.31 6.76
N GLU A 41 -9.16 0.09 6.59
CA GLU A 41 -9.81 -1.23 6.76
C GLU A 41 -10.32 -1.76 5.44
N ALA A 42 -9.80 -1.24 4.33
CA ALA A 42 -10.14 -1.85 3.02
C ALA A 42 -9.79 -3.34 3.05
N TYR A 43 -10.64 -4.10 2.38
CA TYR A 43 -10.53 -5.57 2.41
C TYR A 43 -11.11 -6.18 1.14
N ASN A 44 -10.29 -7.00 0.50
CA ASN A 44 -10.77 -7.78 -0.66
C ASN A 44 -10.36 -9.22 -0.49
N ASN A 45 -11.36 -10.07 -0.52
CA ASN A 45 -11.19 -11.52 -0.45
C ASN A 45 -11.43 -12.07 -1.85
N ASN A 46 -10.33 -12.31 -2.56
CA ASN A 46 -10.35 -12.75 -3.96
C ASN A 46 -10.54 -14.27 -4.02
N GLY A 47 -10.39 -14.99 -2.91
CA GLY A 47 -10.51 -16.45 -2.90
C GLY A 47 -9.18 -17.10 -2.56
N PRO A 48 -8.23 -17.17 -3.51
CA PRO A 48 -6.90 -17.70 -3.20
C PRO A 48 -6.04 -16.85 -2.26
N SER A 49 -6.42 -15.58 -2.09
CA SER A 49 -5.72 -14.65 -1.21
C SER A 49 -6.65 -13.49 -0.89
N ARG A 50 -6.26 -12.80 0.17
CA ARG A 50 -6.97 -11.63 0.66
C ARG A 50 -5.98 -10.45 0.72
N ASP A 51 -6.51 -9.28 0.47
CA ASP A 51 -5.74 -8.02 0.48
C ASP A 51 -6.25 -7.15 1.62
N TYR A 52 -5.33 -6.56 2.39
CA TYR A 52 -5.61 -5.89 3.65
C TYR A 52 -5.09 -4.45 3.63
N GLY A 53 -5.97 -3.53 4.03
CA GLY A 53 -5.59 -2.22 4.52
C GLY A 53 -5.30 -1.25 3.40
N ILE A 54 -4.78 -0.12 3.84
CA ILE A 54 -4.64 1.06 2.92
C ILE A 54 -3.78 0.74 1.71
N PHE A 55 -2.89 -0.22 1.80
CA PHE A 55 -2.00 -0.62 0.66
C PHE A 55 -2.40 -1.99 0.11
N GLN A 56 -3.48 -2.58 0.60
CA GLN A 56 -4.03 -3.83 -0.01
C GLN A 56 -2.93 -4.89 -0.09
N ILE A 57 -2.24 -5.09 1.01
CA ILE A 57 -1.14 -6.06 1.11
C ILE A 57 -1.72 -7.48 1.17
N ASN A 58 -1.05 -8.40 0.47
N ASN A 58 -1.21 -8.38 0.34
CA ASN A 58 -1.57 -9.73 0.05
CA ASN A 58 -1.91 -9.66 0.24
C ASN A 58 -1.18 -10.87 1.01
C ASN A 58 -1.31 -10.71 1.19
N SER A 59 -2.16 -11.68 1.46
CA SER A 59 -1.94 -12.79 2.42
C SER A 59 -1.22 -13.99 1.79
N LYS A 60 -0.99 -14.01 0.48
CA LYS A 60 -0.27 -15.13 -0.17
C LYS A 60 1.24 -14.90 -0.04
N TYR A 61 1.72 -13.65 -0.06
CA TYR A 61 3.17 -13.35 -0.13
C TYR A 61 3.66 -12.52 1.06
N TRP A 62 2.79 -11.76 1.75
CA TRP A 62 3.35 -10.63 2.55
C TRP A 62 2.86 -10.59 3.99
N CYS A 63 1.63 -10.98 4.30
CA CYS A 63 1.17 -11.02 5.69
C CYS A 63 0.47 -12.35 5.93
N ASN A 64 0.49 -12.81 7.18
CA ASN A 64 -0.17 -14.07 7.53
C ASN A 64 -1.60 -13.81 8.01
N ASP A 65 -2.57 -14.44 7.35
CA ASP A 65 -3.97 -14.38 7.82
C ASP A 65 -4.41 -15.78 8.29
N GLY A 66 -3.50 -16.75 8.27
CA GLY A 66 -3.79 -18.09 8.81
C GLY A 66 -4.74 -18.88 7.92
N LYS A 67 -5.13 -18.36 6.76
CA LYS A 67 -6.19 -19.05 6.01
C LYS A 67 -5.97 -18.99 4.51
N THR A 68 -4.72 -18.80 4.13
CA THR A 68 -4.31 -18.72 2.73
C THR A 68 -3.38 -19.89 2.45
N SER A 69 -3.77 -20.76 1.53
CA SER A 69 -2.95 -21.92 1.17
C SER A 69 -1.73 -21.44 0.36
N GLY A 70 -0.63 -22.15 0.54
CA GLY A 70 0.56 -21.89 -0.27
C GLY A 70 1.18 -20.54 0.08
N ALA A 71 1.01 -20.05 1.30
CA ALA A 71 1.41 -18.69 1.68
C ALA A 71 2.85 -18.62 2.17
N VAL A 72 3.46 -17.46 1.97
CA VAL A 72 4.68 -17.04 2.69
C VAL A 72 4.35 -15.69 3.32
N ASP A 73 5.06 -15.35 4.37
CA ASP A 73 4.81 -14.17 5.23
C ASP A 73 6.00 -13.23 5.12
N GLY A 74 6.16 -12.56 3.99
CA GLY A 74 7.36 -11.79 3.64
C GLY A 74 7.56 -10.61 4.59
N CYS A 75 6.48 -10.01 5.09
CA CYS A 75 6.57 -8.90 6.06
C CYS A 75 6.58 -9.37 7.50
N HIS A 76 6.45 -10.67 7.75
CA HIS A 76 6.54 -11.27 9.10
C HIS A 76 5.54 -10.58 10.02
N ILE A 77 4.30 -10.38 9.55
N ILE A 77 4.29 -10.47 9.55
CA ILE A 77 3.22 -9.77 10.37
CA ILE A 77 3.25 -9.70 10.27
C ILE A 77 1.92 -10.53 10.10
C ILE A 77 1.90 -10.37 10.06
N SER A 78 1.03 -10.52 11.08
N SER A 78 1.05 -10.32 11.07
CA SER A 78 -0.40 -10.86 10.90
CA SER A 78 -0.38 -10.69 10.96
C SER A 78 -1.05 -9.77 10.04
C SER A 78 -1.04 -9.71 10.00
N CYS A 79 -1.86 -10.20 9.08
CA CYS A 79 -2.62 -9.30 8.21
C CYS A 79 -3.49 -8.36 9.05
N SER A 80 -3.96 -8.76 10.21
CA SER A 80 -4.83 -7.91 11.08
C SER A 80 -4.08 -6.64 11.50
N GLU A 81 -2.74 -6.67 11.53
CA GLU A 81 -1.93 -5.47 11.90
C GLU A 81 -1.98 -4.41 10.80
N LEU A 82 -2.49 -4.79 9.64
CA LEU A 82 -2.63 -3.88 8.48
C LEU A 82 -4.05 -3.35 8.34
N MET A 83 -4.87 -3.55 9.37
CA MET A 83 -6.29 -3.15 9.38
C MET A 83 -6.56 -2.11 10.46
N THR A 84 -5.53 -1.43 10.92
CA THR A 84 -5.65 -0.51 12.08
C THR A 84 -5.43 0.92 11.60
N ASN A 85 -5.71 1.88 12.45
CA ASN A 85 -5.50 3.31 12.12
C ASN A 85 -4.01 3.68 12.07
N ASP A 86 -3.18 2.88 12.69
CA ASP A 86 -1.74 3.09 12.81
C ASP A 86 -1.07 2.56 11.55
N LEU A 87 -0.48 3.47 10.78
CA LEU A 87 0.07 3.05 9.46
C LEU A 87 1.50 2.55 9.54
N GLU A 88 2.14 2.47 10.70
CA GLU A 88 3.56 2.10 10.72
C GLU A 88 3.75 0.74 10.09
N ASP A 89 2.96 -0.25 10.46
CA ASP A 89 3.19 -1.61 9.89
C ASP A 89 2.94 -1.61 8.39
N ASP A 90 1.95 -0.87 7.94
CA ASP A 90 1.59 -0.75 6.53
C ASP A 90 2.79 -0.17 5.76
N ILE A 91 3.33 0.91 6.28
CA ILE A 91 4.46 1.60 5.66
C ILE A 91 5.65 0.65 5.58
N LYS A 92 5.98 -0.02 6.65
CA LYS A 92 7.19 -0.87 6.65
C LYS A 92 7.01 -1.98 5.62
N CYS A 93 5.84 -2.58 5.61
CA CYS A 93 5.57 -3.72 4.73
C CYS A 93 5.49 -3.26 3.26
N ALA A 94 4.81 -2.18 2.99
CA ALA A 94 4.70 -1.65 1.61
C ALA A 94 6.09 -1.31 1.09
N LYS A 95 6.92 -0.67 1.92
CA LYS A 95 8.31 -0.34 1.49
C LYS A 95 9.05 -1.64 1.11
N LYS A 96 8.94 -2.68 1.91
CA LYS A 96 9.60 -3.97 1.60
C LYS A 96 9.10 -4.50 0.25
N ILE A 97 7.79 -4.44 0.01
CA ILE A 97 7.22 -4.94 -1.27
C ILE A 97 7.84 -4.14 -2.43
N ALA A 98 7.82 -2.81 -2.32
CA ALA A 98 8.32 -1.94 -3.39
C ALA A 98 9.84 -2.09 -3.58
N ARG A 99 10.57 -2.28 -2.50
CA ARG A 99 12.02 -2.55 -2.55
C ARG A 99 12.22 -3.87 -3.31
N ASP A 100 11.48 -4.93 -2.95
N ASP A 100 11.44 -4.91 -3.00
CA ASP A 100 11.61 -6.26 -3.62
CA ASP A 100 11.70 -6.25 -3.63
C ASP A 100 11.42 -6.05 -5.12
C ASP A 100 11.29 -6.22 -5.11
N ALA A 101 10.35 -5.35 -5.52
CA ALA A 101 9.94 -5.21 -6.93
C ALA A 101 10.68 -4.05 -7.63
N HIS A 102 11.54 -3.31 -6.94
CA HIS A 102 12.16 -2.04 -7.43
C HIS A 102 11.06 -1.16 -8.03
N GLY A 103 9.95 -1.01 -7.32
CA GLY A 103 8.88 -0.11 -7.76
C GLY A 103 7.51 -0.67 -7.44
N LEU A 104 6.50 -0.16 -8.15
CA LEU A 104 5.09 -0.27 -7.76
C LEU A 104 4.33 -1.25 -8.64
N THR A 105 5.01 -2.03 -9.48
CA THR A 105 4.32 -3.00 -10.34
C THR A 105 3.55 -4.05 -9.56
N PRO A 106 3.83 -4.38 -8.26
CA PRO A 106 2.94 -5.31 -7.55
C PRO A 106 1.47 -4.85 -7.44
N TRP A 107 1.22 -3.57 -7.57
CA TRP A 107 -0.13 -3.01 -7.36
C TRP A 107 -0.80 -2.76 -8.69
N TYR A 108 -1.68 -3.65 -9.09
CA TYR A 108 -2.35 -3.52 -10.40
C TYR A 108 -3.09 -2.18 -10.48
N GLY A 109 -3.66 -1.71 -9.36
CA GLY A 109 -4.45 -0.46 -9.37
C GLY A 109 -3.53 0.68 -9.81
N TRP A 110 -2.27 0.65 -9.36
CA TRP A 110 -1.29 1.69 -9.73
C TRP A 110 -0.88 1.50 -11.21
N LYS A 111 -0.62 0.26 -11.65
CA LYS A 111 -0.27 0.05 -13.07
C LYS A 111 -1.40 0.58 -13.98
N ASN A 112 -2.64 0.26 -13.63
CA ASN A 112 -3.81 0.47 -14.52
C ASN A 112 -4.23 1.92 -14.46
N HIS A 113 -4.12 2.60 -13.32
CA HIS A 113 -4.80 3.92 -13.13
C HIS A 113 -3.81 5.05 -12.87
N CYS A 114 -2.51 4.77 -12.75
CA CYS A 114 -1.54 5.78 -12.29
C CYS A 114 -0.33 5.84 -13.22
N GLU A 115 0.31 4.70 -13.42
CA GLU A 115 1.60 4.64 -14.13
C GLU A 115 1.49 5.37 -15.47
N GLY A 116 2.43 6.29 -15.71
CA GLY A 116 2.55 6.94 -17.02
C GLY A 116 1.49 8.02 -17.28
N ARG A 117 0.78 8.46 -16.25
CA ARG A 117 -0.31 9.43 -16.36
C ARG A 117 0.08 10.74 -15.68
N ASP A 118 -0.75 11.76 -15.90
CA ASP A 118 -0.66 13.04 -15.18
C ASP A 118 -1.33 12.84 -13.82
N LEU A 119 -0.48 12.82 -12.81
CA LEU A 119 -0.91 12.62 -11.41
C LEU A 119 -0.93 13.94 -10.63
N SER A 120 -0.91 15.09 -11.29
CA SER A 120 -0.94 16.39 -10.59
C SER A 120 -2.08 16.44 -9.57
N SER A 121 -3.23 15.94 -9.90
CA SER A 121 -4.46 16.16 -9.11
C SER A 121 -4.32 15.48 -7.73
N TYR A 122 -3.55 14.42 -7.67
CA TYR A 122 -3.44 13.62 -6.42
C TYR A 122 -2.68 14.38 -5.34
N VAL A 123 -1.81 15.33 -5.75
CA VAL A 123 -0.86 15.98 -4.80
C VAL A 123 -0.98 17.49 -4.74
N LYS A 124 -1.83 18.09 -5.55
CA LYS A 124 -2.03 19.56 -5.47
C LYS A 124 -3.02 19.91 -4.34
N GLY A 125 -2.97 21.18 -3.95
CA GLY A 125 -4.00 21.77 -3.09
C GLY A 125 -3.86 21.39 -1.63
N CYS A 126 -2.76 20.79 -1.21
CA CYS A 126 -2.54 20.46 0.21
C CYS A 126 -1.76 21.55 0.92
C1 GOL B . 0.41 -6.01 -2.72
O1 GOL B . 0.82 -7.00 -1.76
C2 GOL B . -0.66 -6.51 -3.67
O2 GOL B . -1.55 -7.36 -2.94
C3 GOL B . -1.54 -5.45 -4.28
O3 GOL B . -2.46 -6.01 -5.23
H11 GOL B . 1.20 -5.74 -3.25
H12 GOL B . 0.04 -5.22 -2.24
HO1 GOL B . 1.42 -6.65 -1.27
H2 GOL B . -0.22 -6.99 -4.41
HO2 GOL B . -2.34 -7.05 -3.03
H31 GOL B . -0.98 -4.79 -4.74
H32 GOL B . -2.06 -5.01 -3.56
HO3 GOL B . -2.33 -6.84 -5.27
CL CL C . 7.58 2.25 -9.91
CL CL D . 1.91 19.65 -0.37
CL CL E . 2.87 9.75 11.73
CL CL F . 8.56 15.43 0.25
#